data_5MFA
#
_entry.id   5MFA
#
_cell.length_a   106.152
_cell.length_b   109.151
_cell.length_c   83.961
_cell.angle_alpha   90.00
_cell.angle_beta   122.66
_cell.angle_gamma   90.00
#
_symmetry.space_group_name_H-M   'C 1 2 1'
#
loop_
_entity.id
_entity.type
_entity.pdbx_description
1 polymer Myeloperoxidase
2 branched 2-acetamido-2-deoxy-beta-D-glucopyranose-(1-4)-2-acetamido-2-deoxy-beta-D-glucopyranose
3 branched alpha-D-mannopyranose-(1-3)-[alpha-D-mannopyranose-(1-6)]beta-D-mannopyranose-(1-4)-2-acetamido-2-deoxy-beta-D-glucopyranose-(1-4)-2-acetamido-2-deoxy-beta-D-glucopyranose
4 non-polymer 2-acetamido-2-deoxy-beta-D-glucopyranose
5 non-polymer 'PROTOPORPHYRIN IX CONTAINING FE'
6 non-polymer 'CALCIUM ION'
7 non-polymer 'CHLORIDE ION'
8 non-polymer DI(HYDROXYETHYL)ETHER
9 non-polymer 2-AMINO-2-HYDROXYMETHYL-PROPANE-1,3-DIOL
10 water water
#
_entity_poly.entity_id   1
_entity_poly.type   'polypeptide(L)'
_entity_poly.pdbx_seq_one_letter_code
;AAPAVLGEVDTSLVLSSMEEAKQLVDKAYKERRESIKQRLRSGSASPMELLSYFKQPVAATRTAVRAADYLHVALDLLER
KLRSLWRRPFNVTDVLTPAQLNVLSKSSGCAYQDVGVTCPEQDKYRTITGMCNNRRSPTLGASNRAFVRWLPAEYEDGFS
LPYGWTPGVKRNGFPVALARAVSNEIVRFPTDQLTPDQERSLMFMQWGQLLDHDLDFTPEPAARASFVTGVNCETSCVQQ
PPCFPLKIPPNDPRIKNQADCIPFFRS(CSO)PACPGSNITIRNQINALTSFVDASMVYGSEEPLARNLRNMSNQLGLLA
VNQRFQDNGRALLPFDNLHDDPCLLTNRSARIPCFLAGDTRSSEMPELTSMHTLLLREHNRLATELKSLNPRWDGERLYQ
EARKIVGAMVQIITYRDYLPLVLGPTAMRKYLPTYRSYNDSVDPRIANVFTNAFRYGHTLIQPFMFRLDNRYQPMEPNPR
VPLSRVFFASWRVVLEGGIDPILRGLMATPAKLNRQNQIAVDEIRERLFEQVMRIGLDLPALNMQRSRDHGLPGYNAWRR
FCGLPQPETVGQLGTVLRNLKLARKLMEQYGTPNNIDIWMGGVSEPLKRKGRVGPLLACIIGTQFRKLRDGDRFWWENEG
VFSMQQRQALAQISLPRIICDNTGITTVSKNNIFMSNSYPRDFVNCSTLPALNLASWREAS
;
_entity_poly.pdbx_strand_id   A
#
# COMPACT_ATOMS: atom_id res chain seq x y z
N GLY A 109 -17.65 -13.37 -3.87
CA GLY A 109 -16.66 -13.19 -4.92
C GLY A 109 -16.93 -14.08 -6.14
N CYS A 110 -18.16 -14.52 -6.31
CA CYS A 110 -18.51 -15.26 -7.51
C CYS A 110 -18.78 -14.28 -8.65
N ALA A 111 -18.26 -14.62 -9.83
CA ALA A 111 -18.31 -13.69 -10.95
C ALA A 111 -19.74 -13.35 -11.38
N TYR A 112 -20.69 -14.28 -11.22
CA TYR A 112 -22.06 -14.00 -11.68
C TYR A 112 -22.76 -12.94 -10.82
N GLN A 113 -22.28 -12.69 -9.61
CA GLN A 113 -22.98 -11.77 -8.72
CA GLN A 113 -22.97 -11.76 -8.71
C GLN A 113 -23.05 -10.37 -9.35
N ASP A 114 -24.22 -9.77 -9.25
CA ASP A 114 -24.47 -8.40 -9.68
C ASP A 114 -24.31 -8.21 -11.19
N VAL A 115 -24.35 -9.30 -11.97
CA VAL A 115 -24.19 -9.18 -13.42
C VAL A 115 -25.28 -8.31 -14.02
N GLY A 116 -26.44 -8.23 -13.39
CA GLY A 116 -27.58 -7.51 -13.92
C GLY A 116 -27.79 -6.09 -13.40
N VAL A 117 -26.82 -5.49 -12.73
CA VAL A 117 -26.99 -4.12 -12.25
C VAL A 117 -27.07 -3.16 -13.44
N THR A 118 -28.05 -2.25 -13.40
CA THR A 118 -28.15 -1.15 -14.36
C THR A 118 -27.66 0.12 -13.69
N CYS A 119 -26.83 0.86 -14.39
CA CYS A 119 -26.31 2.10 -13.82
C CYS A 119 -27.23 3.26 -14.15
N PRO A 120 -27.30 4.29 -13.30
CA PRO A 120 -28.15 5.43 -13.62
C PRO A 120 -27.72 6.06 -14.93
N GLU A 121 -28.70 6.57 -15.69
CA GLU A 121 -28.40 7.17 -16.99
C GLU A 121 -27.43 8.33 -16.85
N GLN A 122 -27.54 9.08 -15.75
CA GLN A 122 -26.63 10.16 -15.44
C GLN A 122 -26.26 10.05 -13.98
N ASP A 123 -25.01 10.41 -13.67
CA ASP A 123 -24.55 10.49 -12.30
C ASP A 123 -23.53 11.62 -12.23
N LYS A 124 -23.14 11.95 -11.00
CA LYS A 124 -22.23 13.06 -10.76
C LYS A 124 -20.97 12.67 -9.98
N TYR A 125 -21.03 11.61 -9.20
CA TYR A 125 -19.94 11.23 -8.30
C TYR A 125 -19.74 9.73 -8.39
N ARG A 126 -18.55 9.30 -7.98
CA ARG A 126 -18.30 7.88 -7.82
C ARG A 126 -19.24 7.29 -6.78
N THR A 127 -19.60 6.02 -6.99
CA THR A 127 -20.16 5.25 -5.89
C THR A 127 -19.05 4.93 -4.89
N ILE A 128 -19.47 4.54 -3.69
CA ILE A 128 -18.52 4.11 -2.67
C ILE A 128 -17.89 2.77 -3.03
N THR A 129 -18.69 1.85 -3.59
CA THR A 129 -18.18 0.51 -3.86
C THR A 129 -17.42 0.41 -5.17
N GLY A 130 -17.46 1.42 -6.01
CA GLY A 130 -16.86 1.34 -7.33
C GLY A 130 -17.80 0.81 -8.39
N MET A 131 -18.94 0.27 -7.99
CA MET A 131 -19.93 -0.17 -8.97
CA MET A 131 -19.94 -0.16 -8.95
C MET A 131 -20.28 1.01 -9.88
N CYS A 132 -20.52 0.69 -11.15
CA CYS A 132 -21.02 1.62 -12.15
CA CYS A 132 -21.02 1.62 -12.15
C CYS A 132 -20.00 2.65 -12.62
N ASN A 133 -18.73 2.46 -12.27
CA ASN A 133 -17.69 3.22 -12.95
C ASN A 133 -17.72 2.91 -14.43
N ASN A 134 -17.71 1.62 -14.77
CA ASN A 134 -17.85 1.15 -16.13
C ASN A 134 -19.32 0.86 -16.40
N ARG A 135 -19.95 1.67 -17.24
CA ARG A 135 -21.40 1.53 -17.41
C ARG A 135 -21.78 0.25 -18.15
N ARG A 136 -20.90 -0.23 -19.04
CA ARG A 136 -21.21 -1.42 -19.82
C ARG A 136 -20.98 -2.70 -19.02
N SER A 137 -20.03 -2.70 -18.08
N SER A 137 -20.02 -2.68 -18.09
CA SER A 137 -19.76 -3.84 -17.21
CA SER A 137 -19.73 -3.82 -17.20
C SER A 137 -19.64 -3.28 -15.80
C SER A 137 -19.65 -3.25 -15.79
N PRO A 138 -20.78 -3.03 -15.14
CA PRO A 138 -20.78 -2.22 -13.91
C PRO A 138 -19.98 -2.76 -12.76
N THR A 139 -19.66 -4.05 -12.74
CA THR A 139 -18.92 -4.63 -11.63
C THR A 139 -17.41 -4.42 -11.72
N LEU A 140 -16.90 -3.89 -12.83
CA LEU A 140 -15.45 -3.78 -12.99
C LEU A 140 -14.85 -2.77 -12.01
N GLY A 141 -13.94 -3.24 -11.16
CA GLY A 141 -13.31 -2.38 -10.17
C GLY A 141 -14.10 -2.25 -8.89
N ALA A 142 -15.31 -2.80 -8.84
CA ALA A 142 -16.11 -2.73 -7.63
C ALA A 142 -15.51 -3.63 -6.55
N SER A 143 -15.77 -3.28 -5.29
CA SER A 143 -15.16 -3.92 -4.14
C SER A 143 -15.79 -5.30 -3.86
N ASN A 144 -15.02 -6.12 -3.16
CA ASN A 144 -15.44 -7.44 -2.70
C ASN A 144 -15.67 -8.43 -3.83
N ARG A 145 -14.89 -8.32 -4.89
CA ARG A 145 -14.90 -9.22 -6.03
C ARG A 145 -13.52 -9.83 -6.24
N ALA A 146 -13.45 -10.86 -7.06
CA ALA A 146 -12.18 -11.55 -7.29
C ALA A 146 -11.18 -10.64 -8.00
N PHE A 147 -9.90 -10.80 -7.65
CA PHE A 147 -8.84 -10.20 -8.47
C PHE A 147 -8.92 -10.70 -9.90
N VAL A 148 -8.48 -9.89 -10.85
CA VAL A 148 -8.24 -10.38 -12.20
C VAL A 148 -6.92 -11.14 -12.20
N ARG A 149 -6.83 -12.17 -13.02
CA ARG A 149 -5.57 -12.87 -13.24
C ARG A 149 -5.00 -12.49 -14.59
N TRP A 150 -3.76 -12.03 -14.58
CA TRP A 150 -3.04 -11.74 -15.80
C TRP A 150 -2.35 -12.97 -16.37
N LEU A 151 -2.12 -14.00 -15.55
CA LEU A 151 -1.64 -15.30 -16.00
C LEU A 151 -2.43 -16.37 -15.26
N PRO A 152 -2.58 -17.55 -15.84
CA PRO A 152 -3.30 -18.63 -15.14
C PRO A 152 -2.63 -19.00 -13.83
N ALA A 153 -3.45 -19.31 -12.83
CA ALA A 153 -2.97 -19.71 -11.52
C ALA A 153 -2.17 -21.01 -11.60
N GLU A 154 -1.19 -21.12 -10.72
CA GLU A 154 -0.30 -22.27 -10.61
C GLU A 154 -0.38 -22.83 -9.18
N TYR A 155 -1.11 -23.92 -9.06
CA TYR A 155 -1.28 -24.63 -7.81
C TYR A 155 -0.73 -26.04 -7.97
N GLU A 156 -0.36 -26.60 -6.82
CA GLU A 156 0.27 -27.91 -6.74
C GLU A 156 -0.63 -28.98 -7.35
N ASP A 157 -1.94 -28.86 -7.19
CA ASP A 157 -2.90 -29.81 -7.71
C ASP A 157 -3.70 -29.25 -8.88
N GLY A 158 -3.28 -28.10 -9.42
CA GLY A 158 -3.97 -27.47 -10.52
C GLY A 158 -5.24 -26.73 -10.16
N PHE A 159 -5.62 -26.71 -8.89
N PHE A 159 -5.68 -26.76 -8.90
CA PHE A 159 -6.96 -26.28 -8.49
CA PHE A 159 -6.95 -26.15 -8.54
C PHE A 159 -6.92 -25.33 -7.30
C PHE A 159 -6.87 -25.25 -7.30
N SER A 160 -6.19 -25.68 -6.23
CA SER A 160 -6.21 -24.87 -5.03
C SER A 160 -5.07 -25.06 -4.04
N LEU A 161 -4.36 -26.18 -4.08
CA LEU A 161 -3.33 -26.40 -3.06
C LEU A 161 -2.05 -25.66 -3.43
N PRO A 162 -1.46 -24.90 -2.52
CA PRO A 162 -0.30 -24.08 -2.88
C PRO A 162 0.95 -24.91 -2.94
N TYR A 163 1.87 -24.48 -3.79
CA TYR A 163 3.17 -25.12 -3.78
C TYR A 163 3.80 -25.02 -2.40
N GLY A 164 4.38 -26.12 -1.96
CA GLY A 164 4.86 -26.30 -0.61
C GLY A 164 3.90 -27.04 0.32
N TRP A 165 2.67 -27.27 -0.12
CA TRP A 165 1.67 -27.88 0.74
C TRP A 165 1.99 -29.35 1.02
N THR A 166 2.27 -30.14 -0.01
CA THR A 166 2.38 -31.58 0.14
C THR A 166 3.83 -31.99 0.17
N PRO A 167 4.31 -32.70 1.19
CA PRO A 167 5.71 -33.12 1.22
C PRO A 167 6.08 -33.89 -0.03
N GLY A 168 7.22 -33.52 -0.62
CA GLY A 168 7.77 -34.23 -1.75
C GLY A 168 7.24 -33.82 -3.10
N VAL A 169 6.24 -32.96 -3.19
CA VAL A 169 5.69 -32.54 -4.47
C VAL A 169 6.52 -31.37 -5.00
N LYS A 170 7.15 -31.59 -6.16
CA LYS A 170 8.05 -30.61 -6.73
C LYS A 170 7.27 -29.54 -7.51
N ARG A 171 7.95 -28.44 -7.80
CA ARG A 171 7.44 -27.38 -8.66
C ARG A 171 8.38 -27.26 -9.85
N ASN A 172 7.84 -27.40 -11.07
CA ASN A 172 8.66 -27.23 -12.26
C ASN A 172 9.94 -28.08 -12.19
N GLY A 173 9.85 -29.26 -11.59
CA GLY A 173 10.97 -30.19 -11.52
C GLY A 173 11.94 -30.02 -10.38
N PHE A 174 11.66 -29.15 -9.41
CA PHE A 174 12.60 -28.86 -8.33
CA PHE A 174 12.60 -28.92 -8.32
C PHE A 174 11.85 -28.77 -7.00
N PRO A 175 12.48 -29.18 -5.90
CA PRO A 175 11.80 -29.02 -4.60
C PRO A 175 11.51 -27.57 -4.28
N VAL A 176 10.38 -27.35 -3.61
CA VAL A 176 9.97 -26.02 -3.17
C VAL A 176 10.83 -25.58 -1.99
N ALA A 177 11.35 -24.36 -2.07
CA ALA A 177 12.17 -23.79 -1.01
C ALA A 177 11.27 -23.23 0.09
N LEU A 178 11.63 -23.51 1.35
CA LEU A 178 10.92 -22.85 2.44
C LEU A 178 11.04 -21.35 2.32
N ALA A 179 9.92 -20.65 2.44
CA ALA A 179 9.95 -19.19 2.38
C ALA A 179 10.88 -18.61 3.44
N ARG A 180 10.86 -19.17 4.65
CA ARG A 180 11.73 -18.68 5.70
C ARG A 180 13.21 -18.95 5.38
N ALA A 181 13.52 -20.07 4.73
CA ALA A 181 14.89 -20.32 4.31
C ALA A 181 15.35 -19.30 3.27
N VAL A 182 14.49 -18.97 2.30
CA VAL A 182 14.87 -17.96 1.31
C VAL A 182 15.11 -16.63 2.01
N SER A 183 14.23 -16.26 2.92
CA SER A 183 14.40 -15.03 3.68
C SER A 183 15.74 -15.04 4.42
N ASN A 184 16.03 -16.12 5.14
CA ASN A 184 17.28 -16.21 5.90
C ASN A 184 18.51 -16.09 5.02
N GLU A 185 18.49 -16.71 3.83
CA GLU A 185 19.68 -16.84 2.99
CA GLU A 185 19.69 -16.81 3.02
C GLU A 185 19.86 -15.65 2.05
N ILE A 186 18.78 -15.01 1.64
CA ILE A 186 18.91 -13.96 0.64
CA ILE A 186 18.79 -13.98 0.59
C ILE A 186 18.50 -12.59 1.16
N VAL A 187 17.51 -12.50 2.03
CA VAL A 187 17.00 -11.20 2.47
C VAL A 187 17.76 -10.66 3.67
N ARG A 188 18.08 -11.52 4.63
CA ARG A 188 18.75 -11.11 5.85
C ARG A 188 20.04 -10.35 5.55
N PHE A 189 20.23 -9.24 6.26
CA PHE A 189 21.49 -8.51 6.20
C PHE A 189 21.71 -7.81 7.54
N PRO A 190 22.95 -7.42 7.86
CA PRO A 190 23.22 -6.74 9.15
C PRO A 190 22.72 -5.30 9.12
N THR A 191 21.84 -4.97 10.08
CA THR A 191 21.15 -3.68 10.03
C THR A 191 22.11 -2.52 10.06
N ASP A 192 23.25 -2.67 10.74
CA ASP A 192 24.19 -1.57 10.85
C ASP A 192 24.77 -1.16 9.51
N GLN A 193 24.65 -2.01 8.49
N GLN A 193 24.65 -2.01 8.49
CA GLN A 193 25.16 -1.70 7.16
CA GLN A 193 25.17 -1.70 7.17
C GLN A 193 24.15 -1.01 6.26
C GLN A 193 24.12 -1.11 6.23
N LEU A 194 22.92 -0.80 6.74
CA LEU A 194 21.87 -0.20 5.92
C LEU A 194 22.36 1.01 5.18
N THR A 195 21.95 1.11 3.91
CA THR A 195 22.34 2.22 3.06
C THR A 195 21.19 3.20 2.94
N PRO A 196 21.31 4.43 3.43
CA PRO A 196 20.25 5.42 3.20
C PRO A 196 20.18 5.80 1.74
N ASP A 197 18.98 6.05 1.26
CA ASP A 197 18.79 6.53 -0.11
C ASP A 197 19.03 8.03 -0.14
N GLN A 198 20.07 8.44 -0.86
CA GLN A 198 20.40 9.86 -0.97
C GLN A 198 19.38 10.65 -1.79
N GLU A 199 18.45 9.99 -2.47
CA GLU A 199 17.53 10.67 -3.38
C GLU A 199 16.06 10.37 -3.11
N ARG A 200 15.72 9.75 -1.98
CA ARG A 200 14.33 9.52 -1.64
C ARG A 200 14.14 9.77 -0.16
N SER A 201 13.06 10.46 0.18
CA SER A 201 12.66 10.62 1.57
C SER A 201 11.89 9.40 2.07
N LEU A 202 11.77 9.29 3.40
CA LEU A 202 10.98 8.21 3.96
C LEU A 202 9.50 8.37 3.56
N MET A 203 9.07 9.60 3.27
CA MET A 203 7.74 9.82 2.74
C MET A 203 7.48 9.03 1.45
N PHE A 204 8.53 8.75 0.67
CA PHE A 204 8.40 7.91 -0.53
C PHE A 204 7.92 6.52 -0.18
N MET A 205 8.45 5.95 0.91
CA MET A 205 7.95 4.68 1.40
C MET A 205 6.50 4.80 1.85
N GLN A 206 6.21 5.84 2.62
CA GLN A 206 4.92 5.89 3.28
C GLN A 206 3.77 6.14 2.31
N TRP A 207 4.00 6.98 1.29
CA TRP A 207 2.96 7.15 0.28
C TRP A 207 2.65 5.84 -0.43
N GLY A 208 3.67 5.02 -0.68
CA GLY A 208 3.45 3.74 -1.31
C GLY A 208 2.51 2.86 -0.51
N GLN A 209 2.70 2.79 0.82
CA GLN A 209 1.80 2.00 1.65
C GLN A 209 0.40 2.58 1.65
N LEU A 210 0.28 3.88 1.81
CA LEU A 210 -1.04 4.52 1.81
C LEU A 210 -1.76 4.28 0.50
N LEU A 211 -1.05 4.41 -0.61
CA LEU A 211 -1.61 4.17 -1.94
C LEU A 211 -2.03 2.70 -2.10
N ASP A 212 -1.17 1.78 -1.70
CA ASP A 212 -1.54 0.37 -1.72
C ASP A 212 -2.88 0.18 -1.04
N HIS A 213 -3.11 0.89 0.06
CA HIS A 213 -4.33 0.73 0.82
C HIS A 213 -5.54 1.45 0.21
N ASP A 214 -5.37 2.19 -0.88
CA ASP A 214 -6.46 2.61 -1.76
C ASP A 214 -6.82 1.52 -2.76
N LEU A 215 -5.90 0.61 -3.04
CA LEU A 215 -6.00 -0.28 -4.20
C LEU A 215 -6.41 -1.70 -3.85
N ASP A 216 -5.78 -2.31 -2.84
CA ASP A 216 -6.07 -3.71 -2.58
C ASP A 216 -5.96 -4.07 -1.11
N PHE A 217 -6.93 -4.88 -0.65
CA PHE A 217 -6.89 -5.56 0.63
C PHE A 217 -7.44 -6.96 0.38
N THR A 218 -6.65 -7.97 0.73
CA THR A 218 -6.99 -9.34 0.50
C THR A 218 -7.46 -9.96 1.81
N PRO A 219 -8.75 -10.20 2.00
CA PRO A 219 -9.19 -10.73 3.30
C PRO A 219 -8.72 -12.14 3.53
N GLU A 220 -8.57 -12.47 4.80
CA GLU A 220 -8.31 -13.82 5.25
C GLU A 220 -9.24 -14.08 6.43
N PRO A 221 -9.48 -15.34 6.75
CA PRO A 221 -10.34 -15.65 7.90
C PRO A 221 -9.70 -15.16 9.20
N ALA A 222 -10.55 -14.73 10.12
CA ALA A 222 -10.10 -14.25 11.42
C ALA A 222 -9.84 -15.41 12.37
N ALA A 223 -8.92 -15.19 13.31
CA ALA A 223 -8.72 -16.15 14.39
C ALA A 223 -10.04 -16.40 15.11
N ARG A 224 -10.83 -15.35 15.33
CA ARG A 224 -12.14 -15.48 15.93
C ARG A 224 -13.00 -16.53 15.22
N ALA A 225 -12.84 -16.67 13.91
CA ALA A 225 -13.63 -17.63 13.14
C ALA A 225 -13.09 -19.05 13.18
N SER A 226 -12.00 -19.30 13.93
CA SER A 226 -11.44 -20.64 14.00
C SER A 226 -12.44 -21.63 14.57
N PHE A 227 -13.34 -21.16 15.44
CA PHE A 227 -14.44 -22.00 15.93
C PHE A 227 -15.09 -22.78 14.79
N VAL A 228 -15.26 -22.13 13.63
CA VAL A 228 -15.89 -22.80 12.50
C VAL A 228 -14.98 -23.89 11.93
N THR A 229 -13.70 -23.57 11.72
CA THR A 229 -12.74 -24.49 11.12
C THR A 229 -11.60 -24.77 12.09
N GLY A 230 -11.77 -25.81 12.93
CA GLY A 230 -10.73 -26.35 13.79
C GLY A 230 -9.57 -25.43 14.14
N VAL A 231 -8.46 -25.55 13.40
CA VAL A 231 -7.17 -25.01 13.83
C VAL A 231 -7.20 -23.50 13.92
N ASN A 232 -6.71 -22.95 15.04
CA ASN A 232 -6.40 -21.52 15.13
C ASN A 232 -5.01 -21.31 14.55
N CYS A 233 -4.93 -20.65 13.40
CA CYS A 233 -3.65 -20.49 12.73
C CYS A 233 -2.69 -19.61 13.53
N GLU A 234 -3.18 -18.80 14.47
CA GLU A 234 -2.29 -17.95 15.24
C GLU A 234 -1.49 -18.72 16.27
N THR A 235 -1.98 -19.87 16.73
CA THR A 235 -1.34 -20.57 17.84
C THR A 235 -0.87 -21.98 17.50
N SER A 236 -1.47 -22.63 16.52
CA SER A 236 -1.15 -24.00 16.16
C SER A 236 -0.20 -24.01 14.96
N CYS A 237 0.63 -25.05 14.90
CA CYS A 237 1.49 -25.26 13.73
C CYS A 237 1.00 -26.39 12.83
N VAL A 238 -0.22 -26.84 13.03
CA VAL A 238 -0.80 -27.87 12.17
C VAL A 238 -1.20 -27.25 10.85
N GLN A 239 -0.87 -27.94 9.75
CA GLN A 239 -1.25 -27.52 8.40
C GLN A 239 -2.60 -28.16 8.08
N GLN A 240 -3.66 -27.40 8.34
CA GLN A 240 -5.00 -27.82 8.05
C GLN A 240 -5.76 -26.56 7.67
N PRO A 241 -6.64 -26.62 6.66
CA PRO A 241 -7.28 -25.39 6.19
C PRO A 241 -8.01 -24.66 7.31
N PRO A 242 -7.89 -23.33 7.38
CA PRO A 242 -7.31 -22.41 6.39
C PRO A 242 -5.87 -22.08 6.67
N CYS A 243 -5.18 -22.87 7.48
CA CYS A 243 -3.82 -22.52 7.85
C CYS A 243 -2.82 -23.06 6.83
N PHE A 244 -1.75 -22.31 6.65
CA PHE A 244 -0.64 -22.72 5.78
C PHE A 244 0.63 -22.21 6.44
N PRO A 245 0.94 -22.70 7.64
CA PRO A 245 2.06 -22.15 8.41
C PRO A 245 3.38 -22.31 7.67
N LEU A 246 4.28 -21.36 7.90
CA LEU A 246 5.63 -21.43 7.35
C LEU A 246 6.51 -22.30 8.25
N LYS A 247 7.10 -23.33 7.67
CA LYS A 247 7.99 -24.21 8.40
C LYS A 247 9.32 -23.51 8.67
N ILE A 248 10.02 -23.99 9.68
CA ILE A 248 11.27 -23.41 10.14
C ILE A 248 12.42 -24.27 9.63
N PRO A 249 13.40 -23.69 8.94
CA PRO A 249 14.53 -24.47 8.44
C PRO A 249 15.51 -24.79 9.54
N PRO A 250 16.41 -25.72 9.33
CA PRO A 250 17.49 -25.94 10.30
C PRO A 250 18.43 -24.73 10.32
N ASN A 251 19.05 -24.50 11.48
CA ASN A 251 20.03 -23.43 11.61
C ASN A 251 19.41 -22.05 11.46
N ASP A 252 18.14 -21.90 11.78
CA ASP A 252 17.49 -20.60 11.68
C ASP A 252 18.16 -19.65 12.67
N PRO A 253 18.35 -18.38 12.30
CA PRO A 253 19.06 -17.46 13.22
C PRO A 253 18.26 -17.06 14.45
N ARG A 254 16.95 -17.30 14.47
CA ARG A 254 16.08 -16.86 15.55
C ARG A 254 15.28 -17.99 16.16
N ILE A 255 14.71 -18.86 15.36
CA ILE A 255 13.75 -19.87 15.80
C ILE A 255 14.49 -21.21 15.78
N LYS A 256 15.02 -21.63 16.93
CA LYS A 256 15.83 -22.84 16.98
C LYS A 256 14.98 -24.11 17.07
N ASN A 257 13.73 -24.00 17.47
CA ASN A 257 12.84 -25.16 17.58
C ASN A 257 12.12 -25.36 16.25
N GLN A 258 12.50 -26.40 15.50
CA GLN A 258 11.90 -26.65 14.20
C GLN A 258 10.48 -27.19 14.28
N ALA A 259 9.94 -27.43 15.46
CA ALA A 259 8.53 -27.74 15.59
C ALA A 259 7.66 -26.49 15.69
N ASP A 260 8.29 -25.31 15.77
CA ASP A 260 7.58 -24.03 15.76
C ASP A 260 7.23 -23.72 14.30
N CYS A 261 6.69 -22.53 14.06
CA CYS A 261 6.29 -22.14 12.72
C CYS A 261 5.97 -20.65 12.77
N ILE A 262 5.93 -20.04 11.60
CA ILE A 262 5.43 -18.68 11.47
C ILE A 262 3.95 -18.77 11.07
N PRO A 263 3.04 -18.16 11.82
CA PRO A 263 1.61 -18.28 11.53
C PRO A 263 1.24 -17.73 10.16
N PHE A 264 0.26 -18.37 9.54
CA PHE A 264 -0.22 -17.94 8.22
C PHE A 264 -1.61 -18.48 7.95
N PHE A 265 -2.55 -17.57 7.67
CA PHE A 265 -3.90 -17.92 7.23
C PHE A 265 -3.96 -17.75 5.72
N ARG A 266 -4.48 -18.74 5.00
CA ARG A 266 -4.69 -18.57 3.56
C ARG A 266 -5.73 -17.49 3.30
N SER A 267 -5.52 -16.72 2.23
CA SER A 267 -6.49 -15.72 1.84
C SER A 267 -7.84 -16.36 1.54
N PRO A 269 -10.99 -17.71 -0.19
CA PRO A 269 -11.25 -18.00 -1.60
C PRO A 269 -12.44 -17.22 -2.12
N ALA A 270 -12.31 -16.77 -3.35
CA ALA A 270 -13.44 -16.22 -4.07
C ALA A 270 -14.42 -17.35 -4.36
N CYS A 271 -15.69 -17.10 -4.17
CA CYS A 271 -16.68 -18.11 -4.53
C CYS A 271 -16.38 -19.49 -3.92
N PRO A 272 -16.29 -19.58 -2.59
CA PRO A 272 -16.10 -20.89 -1.96
C PRO A 272 -17.28 -21.82 -2.24
N GLY A 273 -16.98 -23.11 -2.41
CA GLY A 273 -17.98 -24.13 -2.63
C GLY A 273 -18.15 -24.50 -4.09
N SER A 274 -17.53 -23.73 -4.99
CA SER A 274 -17.49 -24.10 -6.39
C SER A 274 -16.44 -25.18 -6.56
N ASN A 275 -16.82 -26.28 -7.20
CA ASN A 275 -15.92 -27.40 -7.40
C ASN A 275 -15.26 -27.39 -8.77
N ILE A 276 -15.62 -26.45 -9.63
CA ILE A 276 -15.13 -26.43 -11.00
C ILE A 276 -14.05 -25.38 -11.23
N THR A 277 -13.95 -24.38 -10.38
CA THR A 277 -13.16 -23.19 -10.65
C THR A 277 -11.84 -23.23 -9.88
N ILE A 278 -10.79 -22.75 -10.54
CA ILE A 278 -9.49 -22.63 -9.90
C ILE A 278 -9.56 -21.53 -8.86
N ARG A 279 -8.95 -21.77 -7.70
CA ARG A 279 -9.08 -20.83 -6.59
CA ARG A 279 -9.03 -20.85 -6.57
C ARG A 279 -8.53 -19.46 -6.96
N ASN A 280 -9.27 -18.44 -6.57
CA ASN A 280 -8.85 -17.05 -6.67
C ASN A 280 -9.15 -16.37 -5.34
N GLN A 281 -8.65 -15.16 -5.19
CA GLN A 281 -8.75 -14.38 -3.97
C GLN A 281 -9.56 -13.11 -4.24
N ILE A 282 -9.91 -12.41 -3.17
CA ILE A 282 -10.85 -11.29 -3.19
C ILE A 282 -10.11 -9.98 -2.91
N ASN A 283 -10.47 -8.92 -3.64
CA ASN A 283 -10.07 -7.55 -3.32
C ASN A 283 -11.23 -6.86 -2.61
N ALA A 284 -11.08 -6.58 -1.32
CA ALA A 284 -12.12 -5.91 -0.57
C ALA A 284 -12.28 -4.44 -0.90
N LEU A 285 -11.39 -3.86 -1.68
CA LEU A 285 -11.38 -2.41 -1.90
C LEU A 285 -11.78 -2.08 -3.33
N THR A 286 -12.13 -0.81 -3.57
CA THR A 286 -12.26 -0.34 -4.94
C THR A 286 -10.88 -0.24 -5.59
N SER A 287 -10.75 -0.77 -6.80
CA SER A 287 -9.44 -0.74 -7.45
CA SER A 287 -9.45 -0.75 -7.48
C SER A 287 -9.04 0.67 -7.84
N PHE A 288 -10.02 1.54 -8.09
CA PHE A 288 -9.72 2.89 -8.55
C PHE A 288 -8.89 3.64 -7.52
N VAL A 289 -8.12 4.60 -8.02
CA VAL A 289 -7.41 5.55 -7.17
C VAL A 289 -8.42 6.64 -6.81
N ASP A 290 -9.18 6.38 -5.75
CA ASP A 290 -10.36 7.17 -5.40
C ASP A 290 -10.37 7.55 -3.92
N ALA A 291 -9.24 7.44 -3.24
CA ALA A 291 -9.16 7.74 -1.82
C ALA A 291 -10.13 6.88 -1.01
N SER A 292 -10.33 5.63 -1.44
CA SER A 292 -11.18 4.75 -0.66
C SER A 292 -10.57 4.41 0.69
N MET A 293 -9.27 4.64 0.87
CA MET A 293 -8.69 4.43 2.20
C MET A 293 -9.15 5.50 3.20
N VAL A 294 -9.69 6.61 2.69
CA VAL A 294 -10.32 7.64 3.50
C VAL A 294 -11.81 7.39 3.65
N TYR A 295 -12.50 7.08 2.55
CA TYR A 295 -13.95 7.11 2.52
C TYR A 295 -14.61 5.75 2.72
N GLY A 296 -13.86 4.65 2.60
CA GLY A 296 -14.44 3.32 2.66
C GLY A 296 -14.82 2.81 1.28
N SER A 297 -14.92 1.48 1.17
CA SER A 297 -15.28 0.81 -0.07
C SER A 297 -16.60 0.04 0.07
N GLU A 298 -17.32 0.22 1.17
CA GLU A 298 -18.60 -0.39 1.43
C GLU A 298 -19.50 0.67 2.05
N GLU A 299 -20.80 0.61 1.72
CA GLU A 299 -21.72 1.69 2.08
C GLU A 299 -21.92 1.87 3.58
N PRO A 300 -22.10 0.79 4.36
CA PRO A 300 -22.28 1.00 5.81
C PRO A 300 -21.08 1.66 6.47
N LEU A 301 -19.87 1.18 6.17
CA LEU A 301 -18.67 1.83 6.66
C LEU A 301 -18.62 3.29 6.24
N ALA A 302 -18.90 3.56 4.96
CA ALA A 302 -18.76 4.93 4.47
C ALA A 302 -19.69 5.88 5.22
N ARG A 303 -20.90 5.40 5.58
CA ARG A 303 -21.80 6.23 6.36
C ARG A 303 -21.27 6.41 7.79
N ASN A 304 -20.72 5.35 8.38
CA ASN A 304 -20.20 5.44 9.74
C ASN A 304 -19.00 6.36 9.85
N LEU A 305 -18.26 6.57 8.75
CA LEU A 305 -17.13 7.48 8.75
C LEU A 305 -17.56 8.93 8.67
N ARG A 306 -18.83 9.19 8.36
CA ARG A 306 -19.33 10.54 8.18
C ARG A 306 -19.92 11.08 9.46
N ASN A 307 -19.82 12.39 9.61
CA ASN A 307 -20.49 13.11 10.69
C ASN A 307 -21.88 13.43 10.19
N MET A 308 -22.87 12.69 10.65
CA MET A 308 -24.25 12.90 10.22
C MET A 308 -25.04 13.73 11.22
N SER A 309 -24.38 14.38 12.20
CA SER A 309 -25.04 15.23 13.18
C SER A 309 -25.48 16.58 12.62
N ASN A 310 -24.99 16.96 11.45
CA ASN A 310 -25.23 18.30 10.93
C ASN A 310 -25.14 18.22 9.41
N GLN A 311 -25.26 19.38 8.75
CA GLN A 311 -25.26 19.46 7.30
C GLN A 311 -23.93 19.96 6.74
N LEU A 312 -22.83 19.70 7.44
CA LEU A 312 -21.54 20.25 7.05
C LEU A 312 -20.73 19.35 6.12
N GLY A 313 -21.16 18.10 5.88
CA GLY A 313 -20.48 17.21 4.96
C GLY A 313 -19.15 16.69 5.47
N LEU A 314 -18.94 16.67 6.78
CA LEU A 314 -17.65 16.33 7.35
C LEU A 314 -17.51 14.83 7.56
N LEU A 315 -16.26 14.40 7.70
CA LEU A 315 -15.94 13.09 8.23
C LEU A 315 -15.87 13.19 9.75
N ALA A 316 -16.31 12.12 10.41
CA ALA A 316 -16.30 12.05 11.87
C ALA A 316 -14.86 12.10 12.40
N VAL A 317 -14.72 12.68 13.59
CA VAL A 317 -13.43 12.84 14.24
C VAL A 317 -13.47 12.23 15.63
N ASN A 318 -12.29 11.99 16.19
CA ASN A 318 -12.18 11.43 17.52
C ASN A 318 -12.88 12.32 18.54
N GLN A 319 -13.66 11.70 19.42
CA GLN A 319 -14.43 12.43 20.41
C GLN A 319 -13.78 12.45 21.78
N ARG A 320 -12.64 11.77 21.94
CA ARG A 320 -11.92 11.70 23.21
C ARG A 320 -10.62 12.48 23.19
N PHE A 321 -9.99 12.67 22.02
CA PHE A 321 -8.68 13.26 21.94
C PHE A 321 -8.57 14.19 20.73
N GLN A 322 -7.73 15.21 20.87
CA GLN A 322 -7.31 16.09 19.80
C GLN A 322 -5.80 16.22 19.82
N ASP A 323 -5.24 16.63 18.69
CA ASP A 323 -3.80 16.77 18.48
C ASP A 323 -3.52 18.27 18.40
N ASN A 324 -3.17 18.86 19.54
CA ASN A 324 -2.98 20.31 19.65
C ASN A 324 -4.13 21.05 18.96
N GLY A 325 -5.35 20.64 19.29
CA GLY A 325 -6.55 21.27 18.81
C GLY A 325 -7.03 20.79 17.46
N ARG A 326 -6.33 19.87 16.83
CA ARG A 326 -6.69 19.37 15.51
C ARG A 326 -7.22 17.94 15.60
N ALA A 327 -7.96 17.54 14.57
CA ALA A 327 -8.72 16.30 14.62
C ALA A 327 -7.81 15.07 14.56
N LEU A 328 -8.24 14.03 15.26
CA LEU A 328 -7.73 12.69 15.09
C LEU A 328 -8.83 11.80 14.51
N LEU A 329 -8.42 10.66 13.95
CA LEU A 329 -9.38 9.69 13.44
C LEU A 329 -10.24 9.17 14.60
N PRO A 330 -11.51 8.83 14.36
CA PRO A 330 -12.29 8.16 15.41
C PRO A 330 -11.65 6.83 15.79
N PHE A 331 -11.99 6.34 16.98
CA PHE A 331 -11.63 4.98 17.37
C PHE A 331 -12.59 3.97 16.75
N ASP A 332 -12.05 2.80 16.40
CA ASP A 332 -12.82 1.68 15.91
C ASP A 332 -13.25 0.79 17.08
N ASN A 333 -14.19 -0.10 16.81
CA ASN A 333 -14.71 -1.05 17.77
C ASN A 333 -14.49 -2.44 17.18
N LEU A 334 -13.39 -3.08 17.54
CA LEU A 334 -12.98 -4.35 16.96
C LEU A 334 -13.10 -5.47 17.97
N HIS A 335 -13.38 -6.67 17.47
CA HIS A 335 -13.06 -7.87 18.24
C HIS A 335 -11.55 -8.07 18.21
N ASP A 336 -10.93 -8.33 19.36
CA ASP A 336 -9.50 -8.63 19.42
C ASP A 336 -8.66 -7.52 18.77
N ASP A 337 -8.89 -6.31 19.25
CA ASP A 337 -8.19 -5.13 18.79
C ASP A 337 -6.68 -5.27 19.08
N PRO A 338 -5.81 -5.26 18.07
CA PRO A 338 -4.37 -5.45 18.35
C PRO A 338 -3.72 -4.24 18.97
N CYS A 339 -4.29 -3.05 18.75
CA CYS A 339 -3.69 -1.83 19.31
C CYS A 339 -3.72 -1.87 20.83
N LEU A 340 -4.74 -2.51 21.42
CA LEU A 340 -4.82 -2.62 22.88
C LEU A 340 -3.68 -3.43 23.47
N LEU A 341 -3.01 -4.26 22.67
CA LEU A 341 -1.94 -5.11 23.17
C LEU A 341 -0.57 -4.45 23.14
N THR A 342 -0.46 -3.26 22.57
CA THR A 342 0.84 -2.61 22.45
C THR A 342 1.14 -1.99 23.81
N ASN A 343 0.55 -0.86 24.14
CA ASN A 343 0.71 -0.28 25.47
C ASN A 343 -0.52 -0.72 26.27
N ARG A 344 -0.34 -1.73 27.12
CA ARG A 344 -1.50 -2.34 27.73
C ARG A 344 -2.08 -1.51 28.85
N SER A 345 -1.29 -0.62 29.45
N SER A 345 -1.28 -0.64 29.46
CA SER A 345 -1.90 0.24 30.47
CA SER A 345 -1.81 0.29 30.46
C SER A 345 -2.71 1.35 29.83
C SER A 345 -2.73 1.30 29.79
N ALA A 346 -2.27 1.87 28.68
CA ALA A 346 -3.01 2.94 28.03
C ALA A 346 -4.32 2.46 27.41
N ARG A 347 -4.36 1.22 26.90
CA ARG A 347 -5.58 0.65 26.31
CA ARG A 347 -5.59 0.67 26.31
C ARG A 347 -6.21 1.62 25.31
N ILE A 348 -5.42 2.07 24.34
CA ILE A 348 -5.90 2.93 23.26
C ILE A 348 -6.23 2.02 22.08
N PRO A 349 -7.47 2.01 21.60
CA PRO A 349 -7.84 1.09 20.53
C PRO A 349 -7.34 1.59 19.17
N CYS A 350 -7.52 0.74 18.17
CA CYS A 350 -7.18 1.12 16.81
C CYS A 350 -8.14 2.19 16.30
N PHE A 351 -7.67 2.91 15.29
CA PHE A 351 -8.45 3.95 14.66
C PHE A 351 -9.37 3.37 13.59
N LEU A 352 -10.46 4.10 13.33
CA LEU A 352 -11.43 3.79 12.30
C LEU A 352 -11.15 4.66 11.08
N ALA A 353 -11.00 4.03 9.93
CA ALA A 353 -10.73 4.76 8.70
C ALA A 353 -11.38 4.01 7.55
N GLY A 354 -11.19 4.54 6.34
CA GLY A 354 -11.76 3.89 5.17
C GLY A 354 -11.16 2.53 4.88
N ASP A 355 -9.93 2.29 5.32
CA ASP A 355 -9.25 1.02 5.22
C ASP A 355 -8.90 0.53 6.62
N THR A 356 -8.95 -0.80 6.82
CA THR A 356 -8.79 -1.41 8.13
C THR A 356 -7.36 -1.37 8.68
N ARG A 357 -6.37 -0.97 7.89
CA ARG A 357 -4.96 -1.06 8.30
C ARG A 357 -4.39 0.26 8.79
N SER A 358 -5.23 1.27 9.04
CA SER A 358 -4.73 2.62 9.27
C SER A 358 -3.84 2.73 10.49
N SER A 359 -3.98 1.84 11.47
CA SER A 359 -3.19 1.88 12.70
C SER A 359 -1.92 1.03 12.62
N GLU A 360 -1.63 0.42 11.47
N GLU A 360 -1.63 0.39 11.48
CA GLU A 360 -0.55 -0.57 11.38
CA GLU A 360 -0.54 -0.58 11.45
C GLU A 360 0.80 0.03 11.72
C GLU A 360 0.80 0.06 11.79
N MET A 361 1.04 1.30 11.36
CA MET A 361 2.19 2.04 11.87
C MET A 361 1.78 3.50 12.00
N PRO A 362 2.32 4.23 12.98
CA PRO A 362 1.86 5.62 13.18
C PRO A 362 2.14 6.54 12.02
N GLU A 363 3.15 6.24 11.21
CA GLU A 363 3.41 7.03 10.01
C GLU A 363 2.24 6.93 9.03
N LEU A 364 1.67 5.73 8.91
CA LEU A 364 0.49 5.52 8.10
C LEU A 364 -0.72 6.20 8.72
N THR A 365 -0.91 6.05 10.04
CA THR A 365 -1.98 6.76 10.71
C THR A 365 -1.90 8.25 10.45
N SER A 366 -0.69 8.81 10.49
CA SER A 366 -0.51 10.23 10.28
C SER A 366 -1.00 10.66 8.90
N MET A 367 -0.73 9.85 7.87
CA MET A 367 -1.20 10.17 6.54
C MET A 367 -2.72 10.09 6.44
N HIS A 368 -3.32 9.07 7.04
CA HIS A 368 -4.78 8.98 7.09
C HIS A 368 -5.37 10.19 7.78
N THR A 369 -4.76 10.62 8.89
CA THR A 369 -5.28 11.73 9.67
C THR A 369 -5.17 13.03 8.88
N LEU A 370 -4.07 13.19 8.15
CA LEU A 370 -3.88 14.35 7.29
C LEU A 370 -5.00 14.47 6.28
N LEU A 371 -5.36 13.36 5.62
CA LEU A 371 -6.38 13.41 4.58
C LEU A 371 -7.78 13.62 5.17
N LEU A 372 -8.04 13.06 6.35
N LEU A 372 -8.04 13.02 6.33
CA LEU A 372 -9.27 13.36 7.09
CA LEU A 372 -9.23 13.35 7.09
C LEU A 372 -9.42 14.86 7.31
C LEU A 372 -9.37 14.85 7.23
N ARG A 373 -8.35 15.49 7.81
CA ARG A 373 -8.39 16.92 8.05
C ARG A 373 -8.60 17.69 6.74
N GLU A 374 -7.92 17.27 5.68
CA GLU A 374 -8.06 17.96 4.40
C GLU A 374 -9.49 17.89 3.89
N HIS A 375 -10.13 16.71 3.99
CA HIS A 375 -11.53 16.64 3.61
C HIS A 375 -12.35 17.69 4.36
N ASN A 376 -12.22 17.71 5.69
CA ASN A 376 -13.03 18.62 6.47
C ASN A 376 -12.70 20.08 6.17
N ARG A 377 -11.44 20.38 5.88
CA ARG A 377 -11.06 21.73 5.51
C ARG A 377 -11.73 22.15 4.21
N LEU A 378 -11.72 21.26 3.21
CA LEU A 378 -12.35 21.55 1.93
C LEU A 378 -13.86 21.72 2.08
N ALA A 379 -14.49 20.84 2.86
CA ALA A 379 -15.93 20.95 3.06
C ALA A 379 -16.27 22.28 3.74
N THR A 380 -15.45 22.71 4.67
CA THR A 380 -15.66 24.00 5.34
C THR A 380 -15.53 25.16 4.36
N GLU A 381 -14.50 25.15 3.51
CA GLU A 381 -14.33 26.23 2.53
CA GLU A 381 -14.35 26.24 2.55
C GLU A 381 -15.47 26.21 1.51
N LEU A 382 -15.89 25.03 1.08
CA LEU A 382 -16.95 24.94 0.08
C LEU A 382 -18.29 25.43 0.64
N LYS A 383 -18.53 25.20 1.94
CA LYS A 383 -19.74 25.72 2.59
C LYS A 383 -19.74 27.25 2.58
N SER A 384 -18.58 27.86 2.85
CA SER A 384 -18.51 29.31 2.80
CA SER A 384 -18.50 29.32 2.80
C SER A 384 -18.77 29.83 1.39
N LEU A 385 -18.25 29.12 0.39
CA LEU A 385 -18.38 29.54 -0.99
C LEU A 385 -19.81 29.34 -1.50
N ASN A 386 -20.44 28.24 -1.08
CA ASN A 386 -21.74 27.81 -1.60
C ASN A 386 -22.64 27.53 -0.40
N PRO A 387 -23.20 28.58 0.22
CA PRO A 387 -23.95 28.35 1.47
C PRO A 387 -25.22 27.53 1.31
N ARG A 388 -25.73 27.37 0.10
CA ARG A 388 -26.93 26.57 -0.11
C ARG A 388 -26.65 25.09 -0.30
N TRP A 389 -25.40 24.68 -0.44
CA TRP A 389 -25.09 23.26 -0.62
C TRP A 389 -25.39 22.51 0.67
N ASP A 390 -26.08 21.36 0.55
CA ASP A 390 -26.37 20.55 1.72
C ASP A 390 -25.17 19.66 2.07
N GLY A 391 -25.31 18.92 3.17
CA GLY A 391 -24.20 18.12 3.66
C GLY A 391 -23.74 17.09 2.65
N GLU A 392 -24.69 16.44 1.98
CA GLU A 392 -24.33 15.42 1.01
C GLU A 392 -23.51 16.01 -0.13
N ARG A 393 -23.91 17.19 -0.62
CA ARG A 393 -23.18 17.85 -1.70
C ARG A 393 -21.78 18.25 -1.24
N LEU A 394 -21.67 18.83 -0.04
CA LEU A 394 -20.37 19.21 0.49
C LEU A 394 -19.45 18.01 0.63
N TYR A 395 -19.97 16.91 1.20
CA TYR A 395 -19.18 15.69 1.34
C TYR A 395 -18.72 15.18 -0.02
N GLN A 396 -19.62 15.11 -1.01
CA GLN A 396 -19.24 14.56 -2.30
C GLN A 396 -18.22 15.45 -3.02
N GLU A 397 -18.40 16.77 -2.93
CA GLU A 397 -17.47 17.67 -3.62
C GLU A 397 -16.09 17.66 -2.97
N ALA A 398 -16.03 17.60 -1.63
CA ALA A 398 -14.75 17.47 -0.95
C ALA A 398 -14.10 16.12 -1.25
N ARG A 399 -14.90 15.04 -1.24
CA ARG A 399 -14.39 13.71 -1.56
C ARG A 399 -13.80 13.66 -2.97
N LYS A 400 -14.46 14.34 -3.90
CA LYS A 400 -14.00 14.37 -5.29
C LYS A 400 -12.67 15.11 -5.41
N ILE A 401 -12.49 16.19 -4.66
CA ILE A 401 -11.19 16.86 -4.64
C ILE A 401 -10.10 15.99 -4.03
N VAL A 402 -10.40 15.37 -2.88
CA VAL A 402 -9.41 14.52 -2.22
C VAL A 402 -8.98 13.39 -3.14
N GLY A 403 -9.94 12.74 -3.82
CA GLY A 403 -9.59 11.70 -4.76
C GLY A 403 -8.70 12.20 -5.87
N ALA A 404 -8.97 13.40 -6.39
CA ALA A 404 -8.12 13.96 -7.43
C ALA A 404 -6.72 14.25 -6.90
N MET A 405 -6.61 14.74 -5.67
CA MET A 405 -5.31 14.99 -5.04
CA MET A 405 -5.29 15.00 -5.13
C MET A 405 -4.50 13.71 -4.96
N VAL A 406 -5.14 12.60 -4.56
CA VAL A 406 -4.43 11.33 -4.50
C VAL A 406 -3.95 10.93 -5.89
N GLN A 407 -4.79 11.12 -6.90
CA GLN A 407 -4.38 10.80 -8.27
C GLN A 407 -3.21 11.65 -8.72
N ILE A 408 -3.24 12.95 -8.43
CA ILE A 408 -2.19 13.86 -8.87
C ILE A 408 -0.87 13.55 -8.17
N ILE A 409 -0.89 13.45 -6.84
CA ILE A 409 0.35 13.14 -6.13
C ILE A 409 0.91 11.82 -6.63
N THR A 410 0.04 10.83 -6.83
CA THR A 410 0.48 9.50 -7.25
C THR A 410 1.12 9.54 -8.64
N TYR A 411 0.43 10.10 -9.63
CA TYR A 411 0.91 10.00 -11.00
C TYR A 411 1.91 11.08 -11.36
N ARG A 412 1.79 12.29 -10.80
CA ARG A 412 2.74 13.37 -11.09
C ARG A 412 4.03 13.21 -10.29
N ASP A 413 3.93 12.86 -9.02
CA ASP A 413 5.07 12.95 -8.10
C ASP A 413 5.66 11.60 -7.72
N TYR A 414 4.84 10.59 -7.49
CA TYR A 414 5.28 9.31 -6.92
C TYR A 414 5.73 8.32 -7.99
N LEU A 415 4.85 7.97 -8.92
CA LEU A 415 5.17 6.91 -9.87
C LEU A 415 6.41 7.19 -10.71
N PRO A 416 6.69 8.42 -11.15
CA PRO A 416 7.94 8.62 -11.89
C PRO A 416 9.17 8.24 -11.11
N LEU A 417 9.13 8.38 -9.78
CA LEU A 417 10.26 8.06 -8.92
C LEU A 417 10.32 6.59 -8.58
N VAL A 418 9.24 5.85 -8.78
CA VAL A 418 9.27 4.40 -8.68
C VAL A 418 9.85 3.80 -9.96
N LEU A 419 9.28 4.20 -11.10
CA LEU A 419 9.57 3.53 -12.36
CA LEU A 419 9.57 3.53 -12.36
C LEU A 419 10.83 4.03 -13.05
N GLY A 420 11.17 5.31 -12.88
CA GLY A 420 12.20 5.94 -13.67
C GLY A 420 11.66 6.35 -15.04
N PRO A 421 12.40 7.19 -15.74
CA PRO A 421 11.81 7.84 -16.92
C PRO A 421 11.53 6.91 -18.09
N THR A 422 12.41 5.95 -18.38
CA THR A 422 12.17 5.10 -19.55
CA THR A 422 12.14 5.14 -19.57
C THR A 422 10.96 4.21 -19.34
N ALA A 423 10.80 3.65 -18.13
CA ALA A 423 9.62 2.84 -17.86
C ALA A 423 8.35 3.69 -17.79
N MET A 424 8.44 4.93 -17.31
CA MET A 424 7.28 5.82 -17.41
C MET A 424 6.83 5.97 -18.85
N ARG A 425 7.77 6.23 -19.76
CA ARG A 425 7.39 6.45 -21.16
CA ARG A 425 7.37 6.46 -21.15
C ARG A 425 6.82 5.19 -21.78
N LYS A 426 7.32 4.03 -21.37
CA LYS A 426 6.87 2.77 -21.95
C LYS A 426 5.51 2.35 -21.40
N TYR A 427 5.33 2.40 -20.09
CA TYR A 427 4.13 1.85 -19.47
C TYR A 427 3.06 2.88 -19.15
N LEU A 428 3.43 4.15 -18.99
CA LEU A 428 2.49 5.21 -18.61
C LEU A 428 2.66 6.39 -19.54
N PRO A 429 2.39 6.20 -20.83
CA PRO A 429 2.42 7.34 -21.75
C PRO A 429 1.34 8.35 -21.36
N THR A 430 1.49 9.56 -21.89
CA THR A 430 0.59 10.65 -21.57
C THR A 430 -0.86 10.23 -21.73
N TYR A 431 -1.68 10.60 -20.74
CA TYR A 431 -3.11 10.32 -20.79
C TYR A 431 -3.76 10.97 -21.99
N ARG A 432 -4.65 10.21 -22.62
CA ARG A 432 -5.43 10.68 -23.75
C ARG A 432 -6.91 10.66 -23.46
N SER A 433 -7.46 9.52 -23.06
CA SER A 433 -8.91 9.43 -22.90
C SER A 433 -9.27 8.20 -22.08
N TYR A 434 -10.46 8.28 -21.52
CA TYR A 434 -11.09 7.14 -20.87
C TYR A 434 -11.53 6.15 -21.91
N ASN A 435 -11.28 4.86 -21.66
CA ASN A 435 -11.70 3.81 -22.55
C ASN A 435 -12.40 2.72 -21.75
N ASP A 436 -13.68 2.49 -22.05
CA ASP A 436 -14.49 1.54 -21.27
C ASP A 436 -14.17 0.09 -21.61
N SER A 437 -13.23 -0.17 -22.50
CA SER A 437 -12.74 -1.51 -22.76
CA SER A 437 -12.77 -1.53 -22.74
C SER A 437 -11.54 -1.88 -21.91
N VAL A 438 -10.97 -0.91 -21.18
CA VAL A 438 -9.81 -1.17 -20.32
C VAL A 438 -10.30 -1.77 -19.01
N ASP A 439 -9.69 -2.87 -18.61
CA ASP A 439 -10.03 -3.55 -17.36
C ASP A 439 -9.33 -2.83 -16.19
N PRO A 440 -10.06 -2.18 -15.30
CA PRO A 440 -9.42 -1.45 -14.19
C PRO A 440 -9.22 -2.27 -12.92
N ARG A 441 -9.43 -3.57 -12.94
CA ARG A 441 -9.27 -4.37 -11.74
C ARG A 441 -7.81 -4.51 -11.34
N ILE A 442 -7.58 -4.65 -10.04
CA ILE A 442 -6.26 -5.04 -9.56
C ILE A 442 -6.01 -6.48 -9.96
N ALA A 443 -4.85 -6.73 -10.53
CA ALA A 443 -4.40 -8.09 -10.82
C ALA A 443 -3.85 -8.74 -9.56
N ASN A 444 -4.08 -10.04 -9.44
CA ASN A 444 -3.58 -10.78 -8.30
C ASN A 444 -2.08 -10.55 -8.11
N VAL A 445 -1.30 -10.62 -9.18
CA VAL A 445 0.14 -10.44 -9.05
C VAL A 445 0.52 -9.10 -8.46
N PHE A 446 -0.26 -8.05 -8.73
CA PHE A 446 0.08 -6.72 -8.22
C PHE A 446 0.07 -6.67 -6.71
N THR A 447 -0.81 -7.44 -6.07
CA THR A 447 -0.87 -7.47 -4.61
C THR A 447 0.45 -7.90 -4.01
N ASN A 448 1.22 -8.69 -4.73
CA ASN A 448 2.52 -9.17 -4.29
C ASN A 448 3.67 -8.31 -4.83
N ALA A 449 3.60 -7.91 -6.11
CA ALA A 449 4.66 -7.11 -6.72
C ALA A 449 4.76 -5.73 -6.08
N PHE A 450 3.64 -5.11 -5.71
CA PHE A 450 3.70 -3.77 -5.13
C PHE A 450 4.26 -3.77 -3.71
N ARG A 451 4.44 -4.95 -3.12
CA ARG A 451 5.18 -5.09 -1.88
C ARG A 451 6.66 -4.83 -2.06
N TYR A 452 7.13 -4.41 -3.24
CA TYR A 452 8.51 -3.96 -3.38
C TYR A 452 8.82 -2.93 -2.31
N GLY A 453 7.81 -2.16 -1.85
CA GLY A 453 8.04 -1.12 -0.88
C GLY A 453 8.59 -1.58 0.46
N HIS A 454 8.48 -2.88 0.76
CA HIS A 454 9.08 -3.39 1.98
C HIS A 454 10.58 -3.20 2.02
N THR A 455 11.22 -3.08 0.85
CA THR A 455 12.65 -2.83 0.74
C THR A 455 13.03 -1.40 1.11
N LEU A 456 12.07 -0.50 1.27
CA LEU A 456 12.28 0.91 1.58
C LEU A 456 12.17 1.22 3.06
N ILE A 457 11.73 0.25 3.85
CA ILE A 457 11.38 0.45 5.25
C ILE A 457 12.64 0.58 6.10
N GLN A 458 12.70 1.62 6.90
CA GLN A 458 13.73 1.85 7.90
C GLN A 458 13.37 1.19 9.23
N PRO A 459 14.35 0.86 10.07
CA PRO A 459 14.09 0.12 11.30
C PRO A 459 13.58 0.94 12.47
N PHE A 460 13.31 2.22 12.28
CA PHE A 460 12.78 3.08 13.34
C PHE A 460 11.68 3.96 12.77
N MET A 461 10.81 4.42 13.67
CA MET A 461 9.99 5.60 13.45
C MET A 461 10.74 6.79 14.04
N PHE A 462 10.82 7.87 13.27
CA PHE A 462 11.54 9.08 13.65
C PHE A 462 10.57 10.22 13.95
N ARG A 463 10.88 10.99 14.99
CA ARG A 463 10.08 12.14 15.37
C ARG A 463 10.98 13.36 15.50
N LEU A 464 10.60 14.44 14.83
CA LEU A 464 11.36 15.68 14.86
C LEU A 464 10.46 16.80 15.34
N ASP A 465 11.03 17.69 16.14
CA ASP A 465 10.28 18.80 16.74
C ASP A 465 10.22 19.98 15.76
N ASN A 466 9.72 21.12 16.25
CA ASN A 466 9.50 22.28 15.38
C ASN A 466 10.78 23.04 15.05
N ARG A 467 11.95 22.54 15.44
CA ARG A 467 13.23 22.98 14.89
C ARG A 467 13.80 21.93 13.94
N TYR A 468 13.00 20.93 13.57
CA TYR A 468 13.49 19.79 12.78
C TYR A 468 14.67 19.11 13.46
N GLN A 469 14.64 19.09 14.78
CA GLN A 469 15.64 18.39 15.57
C GLN A 469 15.03 17.15 16.22
N PRO A 470 15.84 16.13 16.51
CA PRO A 470 15.30 14.92 17.15
C PRO A 470 14.47 15.30 18.38
N MET A 471 13.24 14.80 18.43
CA MET A 471 12.32 15.20 19.48
CA MET A 471 12.31 15.19 19.48
C MET A 471 12.54 14.36 20.72
N GLU A 472 12.88 15.02 21.82
CA GLU A 472 13.12 14.33 23.07
C GLU A 472 11.78 14.02 23.74
N PRO A 473 11.73 12.97 24.56
CA PRO A 473 12.87 12.13 24.98
C PRO A 473 13.34 11.03 24.02
N ASN A 474 12.44 10.50 23.19
CA ASN A 474 12.70 9.32 22.35
C ASN A 474 12.53 9.67 20.88
N PRO A 475 13.56 10.24 20.24
CA PRO A 475 13.40 10.68 18.85
C PRO A 475 13.28 9.54 17.87
N ARG A 476 13.70 8.34 18.22
CA ARG A 476 13.51 7.20 17.35
C ARG A 476 12.98 6.05 18.18
N VAL A 477 12.06 5.29 17.59
CA VAL A 477 11.46 4.15 18.25
C VAL A 477 11.62 2.97 17.31
N PRO A 478 12.13 1.83 17.78
CA PRO A 478 12.23 0.66 16.90
C PRO A 478 10.87 0.33 16.30
N LEU A 479 10.88 -0.04 15.03
CA LEU A 479 9.63 -0.29 14.34
C LEU A 479 8.82 -1.38 15.03
N SER A 480 9.49 -2.37 15.61
CA SER A 480 8.79 -3.45 16.30
C SER A 480 8.12 -3.03 17.59
N ARG A 481 8.19 -1.75 17.95
CA ARG A 481 7.44 -1.17 19.05
C ARG A 481 6.46 -0.10 18.60
N VAL A 482 6.26 0.07 17.28
CA VAL A 482 5.25 1.01 16.78
C VAL A 482 4.12 0.33 16.03
N PHE A 483 4.22 -0.96 15.69
CA PHE A 483 3.13 -1.57 14.98
C PHE A 483 1.87 -1.56 15.85
N PHE A 484 0.76 -1.08 15.28
CA PHE A 484 -0.53 -1.00 15.97
C PHE A 484 -0.51 -0.06 17.17
N ALA A 485 0.51 0.79 17.26
CA ALA A 485 0.71 1.60 18.47
C ALA A 485 0.00 2.95 18.34
N SER A 486 -1.33 2.87 18.24
CA SER A 486 -2.15 4.06 18.12
C SER A 486 -1.95 4.99 19.31
N TRP A 487 -1.63 4.42 20.47
CA TRP A 487 -1.38 5.24 21.65
C TRP A 487 -0.27 6.26 21.43
N ARG A 488 0.69 5.98 20.54
CA ARG A 488 1.78 6.92 20.32
C ARG A 488 1.30 8.19 19.63
N VAL A 489 0.32 8.08 18.76
CA VAL A 489 -0.25 9.27 18.13
C VAL A 489 -0.99 10.09 19.17
N VAL A 490 -1.76 9.43 20.02
CA VAL A 490 -2.62 10.14 20.97
C VAL A 490 -1.79 10.71 22.11
N LEU A 491 -0.80 9.96 22.61
CA LEU A 491 -0.14 10.31 23.86
C LEU A 491 1.31 10.80 23.70
N GLU A 492 1.91 10.66 22.52
CA GLU A 492 3.31 11.04 22.32
C GLU A 492 3.47 12.11 21.24
N GLY A 493 2.52 13.04 21.16
CA GLY A 493 2.73 14.28 20.45
C GLY A 493 2.06 14.45 19.11
N GLY A 494 1.13 13.58 18.73
CA GLY A 494 0.34 13.81 17.53
C GLY A 494 1.11 13.54 16.26
N ILE A 495 0.59 14.07 15.15
CA ILE A 495 1.13 13.72 13.85
C ILE A 495 2.26 14.61 13.36
N ASP A 496 2.43 15.82 13.92
CA ASP A 496 3.45 16.72 13.37
C ASP A 496 4.85 16.12 13.45
N PRO A 497 5.31 15.58 14.58
CA PRO A 497 6.69 15.09 14.61
C PRO A 497 6.92 13.93 13.66
N ILE A 498 5.88 13.13 13.44
CA ILE A 498 5.97 11.99 12.54
C ILE A 498 6.07 12.46 11.10
N LEU A 499 5.24 13.43 10.72
CA LEU A 499 5.31 13.96 9.36
C LEU A 499 6.65 14.62 9.08
N ARG A 500 7.20 15.36 10.05
CA ARG A 500 8.54 15.92 9.86
C ARG A 500 9.57 14.82 9.64
N GLY A 501 9.51 13.75 10.44
CA GLY A 501 10.43 12.64 10.24
C GLY A 501 10.33 12.03 8.85
N LEU A 502 9.10 11.93 8.33
CA LEU A 502 8.93 11.38 6.98
C LEU A 502 9.54 12.29 5.91
N MET A 503 9.43 13.61 6.08
CA MET A 503 9.96 14.53 5.07
C MET A 503 11.48 14.64 5.12
N ALA A 504 12.06 14.57 6.32
CA ALA A 504 13.44 14.99 6.51
C ALA A 504 14.41 13.85 6.70
N THR A 505 13.96 12.61 6.74
CA THR A 505 14.90 11.50 6.85
C THR A 505 14.77 10.60 5.62
N PRO A 506 15.81 9.84 5.30
CA PRO A 506 15.84 9.12 4.02
C PRO A 506 15.08 7.81 4.05
N ALA A 507 14.56 7.42 2.88
CA ALA A 507 14.15 6.03 2.72
C ALA A 507 15.38 5.12 2.82
N LYS A 508 15.15 3.85 3.15
CA LYS A 508 16.20 2.86 2.95
C LYS A 508 16.33 2.59 1.45
N LEU A 509 17.56 2.43 0.98
CA LEU A 509 17.82 1.99 -0.40
C LEU A 509 17.80 0.47 -0.48
N ASN A 510 17.09 -0.06 -1.47
CA ASN A 510 17.17 -1.48 -1.81
C ASN A 510 18.52 -1.75 -2.49
N ARG A 511 19.29 -2.66 -1.90
CA ARG A 511 20.51 -3.16 -2.51
C ARG A 511 20.43 -4.68 -2.53
N GLN A 512 21.17 -5.29 -3.45
CA GLN A 512 21.03 -6.72 -3.68
C GLN A 512 21.55 -7.57 -2.53
N ASN A 513 22.35 -7.00 -1.64
CA ASN A 513 22.78 -7.66 -0.41
C ASN A 513 22.21 -6.97 0.83
N GLN A 514 21.23 -6.07 0.64
CA GLN A 514 20.58 -5.39 1.75
C GLN A 514 19.09 -5.21 1.39
N ILE A 515 18.37 -6.32 1.31
CA ILE A 515 17.04 -6.26 0.73
C ILE A 515 16.00 -5.71 1.72
N ALA A 516 15.88 -6.27 2.93
CA ALA A 516 14.87 -5.80 3.87
C ALA A 516 15.35 -6.02 5.30
N VAL A 517 14.95 -5.11 6.20
CA VAL A 517 15.48 -5.08 7.57
C VAL A 517 14.82 -6.10 8.49
N ASP A 518 15.58 -6.48 9.54
CA ASP A 518 15.11 -7.44 10.52
C ASP A 518 13.96 -6.91 11.39
N GLU A 519 13.74 -5.59 11.47
CA GLU A 519 12.53 -5.15 12.19
C GLU A 519 11.27 -5.72 11.56
N ILE A 520 11.27 -5.95 10.24
CA ILE A 520 10.15 -6.63 9.58
C ILE A 520 10.44 -8.09 9.25
N ARG A 521 11.70 -8.50 9.15
CA ARG A 521 12.05 -9.88 8.81
C ARG A 521 12.07 -10.79 10.02
N GLU A 522 12.31 -10.24 11.21
CA GLU A 522 12.40 -11.01 12.44
C GLU A 522 11.37 -10.61 13.48
N ARG A 523 10.89 -9.36 13.46
CA ARG A 523 10.15 -8.81 14.59
C ARG A 523 8.83 -8.20 14.16
N LEU A 524 8.29 -8.58 13.00
CA LEU A 524 7.04 -8.00 12.56
C LEU A 524 5.94 -8.35 13.54
N PHE A 525 5.27 -7.32 14.06
CA PHE A 525 4.10 -7.49 14.92
C PHE A 525 4.42 -8.23 16.21
N GLU A 526 5.68 -8.17 16.65
CA GLU A 526 6.16 -8.91 17.82
C GLU A 526 5.35 -8.61 19.08
N GLN A 527 4.85 -7.38 19.24
CA GLN A 527 4.15 -7.05 20.48
C GLN A 527 2.73 -7.61 20.54
N VAL A 528 2.17 -8.04 19.42
CA VAL A 528 0.75 -8.37 19.34
C VAL A 528 0.50 -9.80 18.89
N MET A 529 1.54 -10.58 18.63
CA MET A 529 1.48 -11.98 18.19
C MET A 529 2.28 -12.83 19.19
N ARG A 530 2.08 -14.15 19.16
CA ARG A 530 2.88 -15.05 20.00
C ARG A 530 4.34 -15.11 19.57
N ILE A 531 4.66 -14.67 18.36
CA ILE A 531 5.99 -14.77 17.78
C ILE A 531 6.11 -13.65 16.77
N GLY A 532 7.33 -13.12 16.61
CA GLY A 532 7.56 -12.16 15.55
C GLY A 532 7.48 -12.81 14.19
N LEU A 533 6.86 -12.10 13.25
CA LEU A 533 6.71 -12.62 11.90
C LEU A 533 7.86 -12.15 11.02
N ASP A 534 7.90 -12.69 9.81
CA ASP A 534 8.93 -12.41 8.80
C ASP A 534 8.18 -11.95 7.56
N LEU A 535 8.18 -10.64 7.32
CA LEU A 535 7.35 -10.10 6.24
C LEU A 535 7.83 -10.57 4.87
N PRO A 536 9.12 -10.52 4.55
CA PRO A 536 9.56 -11.10 3.27
C PRO A 536 9.11 -12.55 3.09
N ALA A 537 9.25 -13.38 4.12
CA ALA A 537 8.82 -14.76 4.00
C ALA A 537 7.31 -14.85 3.81
N LEU A 538 6.54 -14.01 4.52
CA LEU A 538 5.10 -13.99 4.30
C LEU A 538 4.78 -13.62 2.86
N ASN A 539 5.50 -12.66 2.28
CA ASN A 539 5.24 -12.28 0.90
C ASN A 539 5.37 -13.48 -0.01
N MET A 540 6.40 -14.28 0.20
CA MET A 540 6.64 -15.47 -0.62
C MET A 540 5.59 -16.54 -0.38
N GLN A 541 5.26 -16.83 0.88
CA GLN A 541 4.20 -17.80 1.14
C GLN A 541 2.88 -17.31 0.54
N ARG A 542 2.62 -16.02 0.61
CA ARG A 542 1.38 -15.47 0.07
C ARG A 542 1.30 -15.64 -1.44
N SER A 543 2.40 -15.42 -2.15
CA SER A 543 2.37 -15.64 -3.59
C SER A 543 2.03 -17.08 -3.92
N ARG A 544 2.46 -18.04 -3.07
CA ARG A 544 2.13 -19.44 -3.30
C ARG A 544 0.68 -19.73 -2.95
N ASP A 545 0.20 -19.19 -1.84
CA ASP A 545 -1.21 -19.23 -1.48
C ASP A 545 -2.08 -18.76 -2.63
N HIS A 546 -1.68 -17.68 -3.29
CA HIS A 546 -2.42 -17.09 -4.40
C HIS A 546 -2.16 -17.75 -5.75
N GLY A 547 -1.39 -18.82 -5.80
CA GLY A 547 -1.16 -19.50 -7.06
C GLY A 547 -0.44 -18.66 -8.08
N LEU A 548 0.43 -17.75 -7.65
CA LEU A 548 1.07 -16.90 -8.64
C LEU A 548 2.16 -17.68 -9.36
N PRO A 549 2.25 -17.51 -10.68
CA PRO A 549 3.41 -18.04 -11.42
C PRO A 549 4.72 -17.47 -10.90
N GLY A 550 5.80 -18.19 -11.17
CA GLY A 550 7.12 -17.78 -10.76
C GLY A 550 7.73 -16.71 -11.64
N TYR A 551 8.97 -16.39 -11.29
CA TYR A 551 9.71 -15.28 -11.87
C TYR A 551 9.73 -15.32 -13.39
N ASN A 552 10.13 -16.44 -13.98
CA ASN A 552 10.28 -16.47 -15.43
C ASN A 552 8.94 -16.37 -16.15
N ALA A 553 7.85 -16.89 -15.57
CA ALA A 553 6.56 -16.71 -16.22
C ALA A 553 6.20 -15.24 -16.31
N TRP A 554 6.53 -14.48 -15.26
CA TRP A 554 6.26 -13.05 -15.28
C TRP A 554 7.23 -12.31 -16.19
N ARG A 555 8.49 -12.72 -16.23
CA ARG A 555 9.41 -12.16 -17.21
C ARG A 555 8.84 -12.32 -18.62
N ARG A 556 8.36 -13.52 -18.94
CA ARG A 556 7.79 -13.77 -20.26
CA ARG A 556 7.78 -13.81 -20.25
C ARG A 556 6.57 -12.92 -20.52
N PHE A 557 5.68 -12.78 -19.53
CA PHE A 557 4.51 -11.91 -19.67
C PHE A 557 4.93 -10.50 -20.02
N CYS A 558 6.04 -10.04 -19.47
CA CYS A 558 6.56 -8.69 -19.68
C CYS A 558 7.48 -8.57 -20.88
N GLY A 559 7.68 -9.65 -21.63
CA GLY A 559 8.53 -9.58 -22.81
C GLY A 559 10.01 -9.47 -22.51
N LEU A 560 10.43 -9.98 -21.36
CA LEU A 560 11.81 -9.91 -20.92
C LEU A 560 12.47 -11.28 -20.99
N PRO A 561 13.79 -11.34 -21.19
CA PRO A 561 14.47 -12.64 -21.27
C PRO A 561 14.25 -13.47 -20.01
N GLN A 562 14.16 -14.78 -20.21
CA GLN A 562 13.92 -15.73 -19.13
C GLN A 562 15.19 -16.55 -18.86
N PRO A 563 16.00 -16.18 -17.87
CA PRO A 563 17.24 -16.92 -17.63
C PRO A 563 16.94 -18.32 -17.12
N GLU A 564 17.73 -19.29 -17.57
CA GLU A 564 17.56 -20.67 -17.14
C GLU A 564 18.71 -21.16 -16.26
N THR A 565 19.93 -20.76 -16.56
CA THR A 565 21.11 -21.22 -15.84
C THR A 565 21.56 -20.16 -14.85
N VAL A 566 22.45 -20.57 -13.95
CA VAL A 566 23.00 -19.62 -12.98
C VAL A 566 23.71 -18.48 -13.70
N GLY A 567 24.45 -18.78 -14.78
CA GLY A 567 25.14 -17.73 -15.50
C GLY A 567 24.19 -16.76 -16.17
N GLN A 568 23.12 -17.27 -16.77
CA GLN A 568 22.11 -16.39 -17.37
C GLN A 568 21.44 -15.52 -16.30
N LEU A 569 21.13 -16.10 -15.15
CA LEU A 569 20.52 -15.32 -14.07
C LEU A 569 21.48 -14.26 -13.56
N GLY A 570 22.76 -14.61 -13.45
CA GLY A 570 23.77 -13.63 -13.07
C GLY A 570 23.83 -12.45 -14.02
N THR A 571 23.67 -12.71 -15.32
CA THR A 571 23.65 -11.62 -16.30
C THR A 571 22.43 -10.74 -16.10
N VAL A 572 21.25 -11.35 -15.94
CA VAL A 572 20.02 -10.57 -15.77
C VAL A 572 20.11 -9.70 -14.53
N LEU A 573 20.64 -10.24 -13.44
CA LEU A 573 20.71 -9.51 -12.18
C LEU A 573 21.94 -8.63 -12.09
N ARG A 574 22.84 -8.72 -13.07
CA ARG A 574 24.14 -8.09 -12.99
C ARG A 574 24.79 -8.39 -11.64
N ASN A 575 24.69 -9.65 -11.22
CA ASN A 575 25.16 -10.05 -9.90
C ASN A 575 25.20 -11.58 -9.85
N LEU A 576 26.35 -12.15 -10.15
CA LEU A 576 26.50 -13.60 -10.12
C LEU A 576 26.41 -14.14 -8.69
N LYS A 577 26.90 -13.40 -7.70
CA LYS A 577 26.81 -13.86 -6.32
C LYS A 577 25.36 -14.06 -5.89
N LEU A 578 24.51 -13.08 -6.18
CA LEU A 578 23.09 -13.21 -5.86
C LEU A 578 22.43 -14.32 -6.66
N ALA A 579 22.76 -14.42 -7.96
CA ALA A 579 22.22 -15.50 -8.78
C ALA A 579 22.56 -16.87 -8.20
N ARG A 580 23.81 -17.04 -7.72
CA ARG A 580 24.19 -18.32 -7.13
C ARG A 580 23.37 -18.62 -5.87
N LYS A 581 23.15 -17.60 -5.02
N LYS A 581 23.19 -17.62 -5.02
CA LYS A 581 22.34 -17.82 -3.82
CA LYS A 581 22.34 -17.80 -3.84
C LYS A 581 20.90 -18.18 -4.18
C LYS A 581 20.95 -18.25 -4.25
N LEU A 582 20.33 -17.51 -5.18
CA LEU A 582 18.97 -17.83 -5.60
C LEU A 582 18.89 -19.24 -6.19
N MET A 583 19.88 -19.64 -6.99
CA MET A 583 19.86 -20.98 -7.57
C MET A 583 20.04 -22.06 -6.50
N GLU A 584 20.86 -21.78 -5.48
CA GLU A 584 21.02 -22.73 -4.39
C GLU A 584 19.71 -22.94 -3.64
N GLN A 585 18.91 -21.88 -3.49
CA GLN A 585 17.63 -22.00 -2.79
C GLN A 585 16.55 -22.61 -3.66
N TYR A 586 16.45 -22.15 -4.91
CA TYR A 586 15.30 -22.43 -5.75
C TYR A 586 15.54 -23.47 -6.84
N GLY A 587 16.78 -23.76 -7.18
CA GLY A 587 17.10 -24.76 -8.22
C GLY A 587 16.98 -24.23 -9.63
N THR A 588 15.90 -23.51 -9.92
CA THR A 588 15.65 -22.97 -11.26
C THR A 588 15.06 -21.58 -11.11
N PRO A 589 15.40 -20.64 -11.99
CA PRO A 589 14.73 -19.33 -11.95
C PRO A 589 13.24 -19.43 -12.22
N ASN A 590 12.77 -20.53 -12.78
CA ASN A 590 11.33 -20.70 -12.96
C ASN A 590 10.58 -20.72 -11.64
N ASN A 591 11.27 -21.03 -10.55
CA ASN A 591 10.64 -21.18 -9.25
C ASN A 591 10.82 -20.00 -8.32
N ILE A 592 11.64 -19.01 -8.69
CA ILE A 592 11.82 -17.87 -7.82
C ILE A 592 10.46 -17.19 -7.64
N ASP A 593 10.08 -16.94 -6.38
CA ASP A 593 8.80 -16.30 -6.12
C ASP A 593 8.83 -14.86 -6.64
N ILE A 594 7.69 -14.37 -7.09
CA ILE A 594 7.66 -13.09 -7.80
C ILE A 594 8.23 -11.94 -6.95
N TRP A 595 7.88 -11.84 -5.67
CA TRP A 595 8.43 -10.72 -4.88
C TRP A 595 9.94 -10.83 -4.80
N MET A 596 10.44 -12.04 -4.54
CA MET A 596 11.86 -12.25 -4.36
CA MET A 596 11.87 -12.24 -4.35
C MET A 596 12.63 -11.92 -5.63
N GLY A 597 12.17 -12.44 -6.76
CA GLY A 597 12.83 -12.14 -8.01
C GLY A 597 12.70 -10.68 -8.39
N GLY A 598 11.51 -10.11 -8.17
CA GLY A 598 11.30 -8.72 -8.52
C GLY A 598 12.23 -7.78 -7.78
N VAL A 599 12.35 -7.95 -6.47
CA VAL A 599 13.20 -7.04 -5.68
C VAL A 599 14.68 -7.35 -5.81
N SER A 600 15.04 -8.50 -6.37
CA SER A 600 16.44 -8.85 -6.63
C SER A 600 17.00 -8.14 -7.85
N GLU A 601 16.15 -7.68 -8.76
CA GLU A 601 16.65 -7.09 -9.98
C GLU A 601 17.32 -5.74 -9.72
N PRO A 602 18.36 -5.42 -10.49
CA PRO A 602 18.98 -4.10 -10.37
C PRO A 602 17.97 -3.03 -10.76
N LEU A 603 18.13 -1.86 -10.15
CA LEU A 603 17.13 -0.82 -10.26
C LEU A 603 17.30 -0.01 -11.56
N LYS A 604 16.16 0.31 -12.18
N LYS A 604 16.18 0.34 -12.16
CA LYS A 604 16.18 1.22 -13.32
CA LYS A 604 16.23 1.18 -13.34
C LYS A 604 16.82 2.54 -12.93
C LYS A 604 16.72 2.58 -12.97
N ARG A 605 17.43 3.20 -13.91
CA ARG A 605 17.98 4.53 -13.69
C ARG A 605 16.88 5.48 -13.24
N LYS A 606 17.14 6.18 -12.14
CA LYS A 606 16.22 7.14 -11.53
C LYS A 606 14.92 6.50 -11.06
N GLY A 607 14.90 5.17 -10.93
CA GLY A 607 13.78 4.46 -10.35
C GLY A 607 14.24 3.59 -9.21
N ARG A 608 13.26 2.90 -8.60
CA ARG A 608 13.53 2.09 -7.42
C ARG A 608 12.98 0.68 -7.56
N VAL A 609 12.72 0.26 -8.79
CA VAL A 609 12.42 -1.12 -9.14
C VAL A 609 13.20 -1.45 -10.40
N GLY A 610 13.41 -2.74 -10.63
CA GLY A 610 13.96 -3.24 -11.86
C GLY A 610 12.91 -3.42 -12.94
N PRO A 611 13.34 -3.98 -14.09
CA PRO A 611 12.44 -4.08 -15.25
C PRO A 611 11.18 -4.88 -15.02
N LEU A 612 11.25 -5.98 -14.28
CA LEU A 612 10.05 -6.81 -14.12
C LEU A 612 8.99 -6.08 -13.29
N LEU A 613 9.37 -5.57 -12.14
CA LEU A 613 8.43 -4.82 -11.33
C LEU A 613 7.98 -3.55 -12.02
N ALA A 614 8.86 -2.89 -12.77
CA ALA A 614 8.42 -1.71 -13.51
C ALA A 614 7.28 -2.05 -14.45
N CYS A 615 7.40 -3.17 -15.16
CA CYS A 615 6.35 -3.61 -16.07
C CYS A 615 5.05 -3.90 -15.32
N ILE A 616 5.11 -4.69 -14.26
CA ILE A 616 3.88 -5.06 -13.57
C ILE A 616 3.21 -3.83 -12.96
N ILE A 617 4.00 -3.01 -12.28
CA ILE A 617 3.44 -1.84 -11.60
C ILE A 617 2.97 -0.80 -12.61
N GLY A 618 3.78 -0.52 -13.63
CA GLY A 618 3.37 0.45 -14.63
C GLY A 618 2.13 0.02 -15.37
N THR A 619 2.04 -1.26 -15.74
CA THR A 619 0.85 -1.77 -16.41
C THR A 619 -0.38 -1.59 -15.52
N GLN A 620 -0.26 -1.95 -14.24
CA GLN A 620 -1.41 -1.80 -13.35
C GLN A 620 -1.89 -0.36 -13.29
N PHE A 621 -0.97 0.58 -13.09
CA PHE A 621 -1.38 1.98 -12.95
C PHE A 621 -1.89 2.57 -14.26
N ARG A 622 -1.41 2.06 -15.40
CA ARG A 622 -1.98 2.52 -16.66
C ARG A 622 -3.45 2.13 -16.77
N LYS A 623 -3.77 0.90 -16.38
CA LYS A 623 -5.15 0.42 -16.44
C LYS A 623 -6.03 1.17 -15.46
N LEU A 624 -5.51 1.45 -14.26
CA LEU A 624 -6.30 2.17 -13.27
C LEU A 624 -6.64 3.57 -13.74
N ARG A 625 -5.80 4.17 -14.57
CA ARG A 625 -6.03 5.50 -15.07
C ARG A 625 -6.94 5.49 -16.30
N ASP A 626 -6.55 4.71 -17.32
CA ASP A 626 -7.26 4.71 -18.59
C ASP A 626 -8.63 4.07 -18.47
N GLY A 627 -8.83 3.20 -17.47
CA GLY A 627 -10.10 2.54 -17.25
C GLY A 627 -10.97 3.16 -16.18
N ASP A 628 -10.69 4.40 -15.76
CA ASP A 628 -11.42 5.08 -14.70
C ASP A 628 -12.25 6.20 -15.31
N ARG A 629 -13.57 6.04 -15.29
CA ARG A 629 -14.45 7.05 -15.86
C ARG A 629 -14.36 8.38 -15.10
N PHE A 630 -13.93 8.34 -13.85
CA PHE A 630 -13.82 9.51 -13.02
C PHE A 630 -12.38 9.98 -12.86
N TRP A 631 -11.47 9.53 -13.72
CA TRP A 631 -10.12 10.08 -13.74
C TRP A 631 -10.20 11.60 -13.80
N TRP A 632 -9.39 12.27 -12.99
CA TRP A 632 -9.58 13.71 -12.80
C TRP A 632 -9.39 14.52 -14.08
N GLU A 633 -8.65 14.02 -15.06
CA GLU A 633 -8.44 14.72 -16.32
C GLU A 633 -9.42 14.31 -17.41
N ASN A 634 -10.32 13.37 -17.15
CA ASN A 634 -11.29 12.96 -18.14
C ASN A 634 -12.26 14.12 -18.39
N GLU A 635 -12.54 14.37 -19.66
CA GLU A 635 -13.42 15.47 -20.02
C GLU A 635 -14.75 15.34 -19.28
N GLY A 636 -15.21 16.45 -18.70
CA GLY A 636 -16.47 16.50 -18.00
C GLY A 636 -16.39 16.25 -16.50
N VAL A 637 -15.31 15.64 -16.00
CA VAL A 637 -15.22 15.35 -14.58
C VAL A 637 -15.07 16.65 -13.78
N PHE A 638 -14.05 17.44 -14.12
CA PHE A 638 -13.86 18.79 -13.63
C PHE A 638 -13.92 19.74 -14.81
N SER A 639 -14.22 21.01 -14.54
CA SER A 639 -14.10 22.01 -15.59
C SER A 639 -12.63 22.29 -15.87
N MET A 640 -12.37 22.98 -16.97
CA MET A 640 -10.98 23.33 -17.25
C MET A 640 -10.40 24.24 -16.17
N GLN A 641 -11.21 25.16 -15.64
CA GLN A 641 -10.74 26.03 -14.55
C GLN A 641 -10.41 25.22 -13.29
N GLN A 642 -11.26 24.25 -12.96
CA GLN A 642 -10.99 23.39 -11.82
C GLN A 642 -9.72 22.56 -12.05
N ARG A 643 -9.52 22.04 -13.26
CA ARG A 643 -8.31 21.27 -13.54
C ARG A 643 -7.06 22.14 -13.36
N GLN A 644 -7.11 23.40 -13.81
CA GLN A 644 -5.97 24.30 -13.62
CA GLN A 644 -5.97 24.27 -13.63
C GLN A 644 -5.71 24.55 -12.15
N ALA A 645 -6.77 24.68 -11.37
CA ALA A 645 -6.60 24.89 -9.92
C ALA A 645 -5.99 23.66 -9.26
N LEU A 646 -6.47 22.47 -9.63
CA LEU A 646 -5.99 21.24 -9.04
C LEU A 646 -4.53 20.98 -9.37
N ALA A 647 -4.06 21.47 -10.52
CA ALA A 647 -2.67 21.27 -10.88
C ALA A 647 -1.72 21.94 -9.89
N GLN A 648 -2.23 22.84 -9.04
CA GLN A 648 -1.40 23.52 -8.04
C GLN A 648 -1.27 22.76 -6.72
N ILE A 649 -1.97 21.64 -6.55
CA ILE A 649 -1.92 20.96 -5.28
C ILE A 649 -0.58 20.26 -5.09
N SER A 650 -0.24 20.02 -3.83
CA SER A 650 0.94 19.23 -3.50
C SER A 650 0.80 18.70 -2.10
N LEU A 651 1.52 17.61 -1.83
CA LEU A 651 1.51 17.05 -0.49
C LEU A 651 2.12 18.02 0.53
N PRO A 652 3.22 18.73 0.24
CA PRO A 652 3.69 19.74 1.20
C PRO A 652 2.62 20.76 1.54
N ARG A 653 1.84 21.24 0.56
CA ARG A 653 0.81 22.21 0.88
C ARG A 653 -0.29 21.59 1.74
N ILE A 654 -0.68 20.34 1.47
CA ILE A 654 -1.67 19.69 2.31
C ILE A 654 -1.18 19.63 3.75
N ILE A 655 0.10 19.32 3.94
CA ILE A 655 0.67 19.34 5.28
C ILE A 655 0.58 20.74 5.89
N CYS A 656 0.93 21.77 5.12
CA CYS A 656 0.85 23.15 5.62
C CYS A 656 -0.56 23.50 6.06
N ASP A 657 -1.57 23.03 5.33
CA ASP A 657 -2.93 23.46 5.57
C ASP A 657 -3.58 22.76 6.76
N ASN A 658 -3.02 21.65 7.23
CA ASN A 658 -3.76 20.80 8.16
C ASN A 658 -2.96 20.38 9.39
N THR A 659 -1.82 21.01 9.65
CA THR A 659 -0.97 20.63 10.76
C THR A 659 -0.37 21.89 11.36
N GLY A 660 0.43 21.72 12.40
CA GLY A 660 1.22 22.77 12.99
C GLY A 660 2.56 22.99 12.34
N ILE A 661 2.84 22.28 11.25
CA ILE A 661 4.12 22.38 10.56
C ILE A 661 4.09 23.59 9.65
N THR A 662 5.10 24.45 9.77
CA THR A 662 5.18 25.65 8.95
C THR A 662 6.36 25.67 7.99
N THR A 663 7.23 24.65 8.03
CA THR A 663 8.34 24.52 7.10
C THR A 663 8.28 23.12 6.53
N VAL A 664 8.31 23.00 5.20
CA VAL A 664 8.05 21.75 4.51
C VAL A 664 9.01 21.59 3.34
N SER A 665 9.02 20.37 2.80
CA SER A 665 9.87 20.04 1.65
C SER A 665 9.58 20.93 0.45
N LYS A 666 10.63 21.18 -0.31
N LYS A 666 10.66 21.39 -0.19
CA LYS A 666 10.46 21.61 -1.68
CA LYS A 666 10.64 22.40 -1.25
C LYS A 666 9.86 20.49 -2.53
C LYS A 666 10.61 21.78 -2.65
N ASN A 667 9.25 20.92 -3.63
N ASN A 667 11.39 20.73 -2.89
CA ASN A 667 8.56 19.98 -4.49
CA ASN A 667 11.35 20.00 -4.14
C ASN A 667 9.46 18.92 -5.08
C ASN A 667 10.35 18.86 -3.97
N ASN A 668 8.81 17.86 -5.53
N ASN A 668 10.19 18.03 -5.02
CA ASN A 668 9.07 16.49 -5.12
CA ASN A 668 9.29 16.89 -4.95
C ASN A 668 9.41 16.21 -3.66
C ASN A 668 9.45 16.21 -3.60
N ILE A 669 8.35 16.14 -2.85
CA ILE A 669 8.43 15.68 -1.46
C ILE A 669 9.06 14.30 -1.36
N PHE A 670 8.93 13.47 -2.41
CA PHE A 670 9.45 12.11 -2.36
C PHE A 670 10.94 12.03 -2.63
N MET A 671 11.51 13.06 -3.26
N MET A 671 11.55 13.08 -3.17
CA MET A 671 12.94 13.17 -3.51
CA MET A 671 12.99 13.09 -3.29
C MET A 671 13.63 14.00 -2.42
C MET A 671 13.62 13.37 -1.92
N SER A 672 13.07 15.17 -2.10
N SER A 672 14.93 13.22 -1.82
CA SER A 672 13.57 16.00 -1.01
CA SER A 672 15.63 13.58 -0.60
C SER A 672 13.62 15.20 0.29
C SER A 672 15.73 15.11 -0.55
N ASN A 673 14.72 15.31 1.03
N ASN A 673 15.10 15.72 0.45
CA ASN A 673 14.84 14.51 2.26
CA ASN A 673 15.16 17.15 0.69
C ASN A 673 15.86 15.06 3.26
C ASN A 673 15.96 17.36 1.97
N SER A 674 16.45 16.23 3.00
N SER A 674 17.07 18.08 1.86
CA SER A 674 17.53 16.75 3.83
CA SER A 674 17.96 18.30 2.99
C SER A 674 17.24 18.20 4.21
C SER A 674 17.49 19.51 3.79
N TYR A 675 17.12 18.46 5.51
N TYR A 675 17.20 19.30 5.06
CA TYR A 675 16.87 19.80 6.05
CA TYR A 675 16.84 20.39 5.93
C TYR A 675 18.18 20.52 6.39
C TYR A 675 18.14 21.12 6.26
N PRO A 676 18.21 21.86 6.30
N PRO A 676 18.14 22.46 6.16
CA PRO A 676 17.17 22.76 5.78
CA PRO A 676 17.08 23.41 5.82
C PRO A 676 17.31 22.92 4.28
C PRO A 676 17.11 23.92 4.37
N ARG A 677 18.25 22.17 3.70
N ARG A 677 18.19 23.69 3.63
CA ARG A 677 18.57 22.35 2.28
CA ARG A 677 18.31 24.24 2.28
C ARG A 677 17.31 22.27 1.44
C ARG A 677 17.10 23.91 1.40
N ASP A 678 16.51 21.23 1.64
N ASP A 678 16.67 22.65 1.36
CA ASP A 678 15.35 21.02 0.80
CA ASP A 678 15.64 22.17 0.44
C ASP A 678 14.06 21.62 1.37
C ASP A 678 14.28 22.00 1.11
N PHE A 679 14.09 22.71 2.19
CA PHE A 679 12.84 23.08 2.85
C PHE A 679 12.53 24.57 2.67
N VAL A 680 11.23 24.89 2.76
CA VAL A 680 10.73 26.25 2.58
C VAL A 680 9.59 26.53 3.56
N ASN A 681 9.35 27.81 3.79
CA ASN A 681 8.22 28.27 4.59
C ASN A 681 6.92 28.01 3.83
N CYS A 682 5.93 27.46 4.55
CA CYS A 682 4.60 27.24 3.99
C CYS A 682 4.03 28.50 3.35
N SER A 683 4.42 29.68 3.84
CA SER A 683 3.89 30.94 3.33
CA SER A 683 3.86 30.92 3.33
C SER A 683 4.22 31.15 1.86
N THR A 684 5.20 30.43 1.34
CA THR A 684 5.60 30.57 -0.06
C THR A 684 4.83 29.65 -0.99
N LEU A 685 3.99 28.77 -0.46
CA LEU A 685 3.28 27.78 -1.26
C LEU A 685 1.82 28.19 -1.40
N PRO A 686 1.34 28.51 -2.59
CA PRO A 686 -0.07 28.89 -2.73
C PRO A 686 -1.02 27.76 -2.35
N ALA A 687 -2.08 28.10 -1.62
CA ALA A 687 -3.13 27.15 -1.33
C ALA A 687 -3.98 26.91 -2.57
N LEU A 688 -4.66 25.78 -2.56
CA LEU A 688 -5.62 25.46 -3.61
C LEU A 688 -6.70 26.53 -3.66
N ASN A 689 -6.94 27.07 -4.84
CA ASN A 689 -7.94 28.11 -5.03
C ASN A 689 -9.25 27.45 -5.45
N LEU A 690 -10.27 27.55 -4.61
CA LEU A 690 -11.57 26.92 -4.88
C LEU A 690 -12.56 27.84 -5.59
N ALA A 691 -12.11 28.99 -6.09
CA ALA A 691 -13.04 29.96 -6.68
C ALA A 691 -13.89 29.34 -7.78
N SER A 692 -13.30 28.45 -8.60
CA SER A 692 -14.05 27.88 -9.72
C SER A 692 -15.04 26.79 -9.28
N TRP A 693 -15.15 26.51 -7.99
CA TRP A 693 -16.21 25.66 -7.45
C TRP A 693 -17.43 26.46 -7.05
N ARG A 694 -17.41 27.78 -7.15
CA ARG A 694 -18.56 28.57 -6.77
C ARG A 694 -19.70 28.37 -7.77
N GLU A 695 -20.90 28.10 -7.25
CA GLU A 695 -22.10 28.04 -8.07
C GLU A 695 -23.04 29.16 -7.65
N ALA A 696 -23.37 30.04 -8.57
CA ALA A 696 -24.33 31.10 -8.31
C ALA A 696 -25.69 30.51 -7.96
#